data_6R2R
#
_entry.id   6R2R
#
_cell.length_a   95.681
_cell.length_b   63.945
_cell.length_c   87.573
_cell.angle_alpha   90.00
_cell.angle_beta   90.00
_cell.angle_gamma   90.00
#
_symmetry.space_group_name_H-M   'P 21 21 2'
#
loop_
_entity.id
_entity.type
_entity.pdbx_description
1 polymer 'Ferulic acid decarboxylase 1'
2 non-polymer 'MANGANESE (II) ION'
3 non-polymer 'POTASSIUM ION'
4 non-polymer 'hydroxylated prenyl-FMN'
5 non-polymer '(2Z)-2-fluoro-3-phenylprop-2-enoic acid'
6 water water
#
_entity_poly.entity_id   1
_entity_poly.type   'polypeptide(L)'
_entity_poly.pdbx_seq_one_letter_code
;MSAQPAHLCFRSFVEALKVDNDLVEINTPIDPNLEAAAITRRVCETNDKAPLFNNLIGMKNGLFRILGAPGSLRKSSADR
YGRLARHLALPPTASMREILDKMLSASDMPPIPPTIVPTGPCKENSLDDSEFDLTELPVPLIHKSDGGKYIQTYGMHIVQ
SPDGTWTNWSIARAMVHDKNHLTGLVIPPQHIWQIHQMWKKEGRSDVPWALAFGVPPAAIMASSMPIPDGVTEAGYVGAM
TGSSLELVKCDTNDLYVPATSEIVLEGTLSISETGPEGPFGEMHGYIFPGDTHLGAKYKVNRITYRNNAIMPMSSCGRLT
DETHTMIGSLAAAEIRKLCQQNDLPITDAFAPFESQVTWVALRVDTEKLRAMKTTSEGFRKRVGDVVFNHKAGYTIHRLV
LVGDDIDVYEGKDVLWAFSTRCRPGMDETLFEDVRGFPLIPYMGHGNGPAHRGGKVVSDALMPTEYTTGRNWEAADFNQS
YPEDLKQKVLDNWTKMGFSNLEHHHHHH
;
_entity_poly.pdbx_strand_id   A
#
# COMPACT_ATOMS: atom_id res chain seq x y z
N GLN A 4 -13.04 -5.99 -20.57
CA GLN A 4 -12.80 -4.77 -19.74
C GLN A 4 -11.30 -4.53 -19.60
N PRO A 5 -10.90 -3.24 -19.45
CA PRO A 5 -9.50 -2.90 -19.29
C PRO A 5 -8.82 -3.47 -18.03
N ALA A 6 -7.51 -3.64 -18.13
CA ALA A 6 -6.76 -4.27 -17.01
C ALA A 6 -6.89 -3.52 -15.70
N HIS A 7 -6.98 -2.16 -15.76
CA HIS A 7 -7.07 -1.43 -14.52
C HIS A 7 -8.47 -1.49 -13.88
N LEU A 8 -9.46 -2.00 -14.65
CA LEU A 8 -10.84 -2.09 -14.21
C LEU A 8 -11.30 -3.53 -14.01
N CYS A 9 -10.46 -4.52 -14.22
CA CYS A 9 -10.88 -5.90 -14.14
C CYS A 9 -9.66 -6.74 -13.78
N PHE A 10 -9.70 -7.38 -12.61
CA PHE A 10 -8.53 -8.14 -12.17
C PHE A 10 -8.17 -9.25 -13.12
N ARG A 11 -9.14 -9.93 -13.71
CA ARG A 11 -8.85 -11.04 -14.57
C ARG A 11 -8.07 -10.54 -15.79
N SER A 12 -8.39 -9.35 -16.31
CA SER A 12 -7.64 -8.72 -17.37
C SER A 12 -6.27 -8.22 -16.93
N PHE A 13 -6.15 -7.79 -15.68
CA PHE A 13 -4.85 -7.47 -15.12
C PHE A 13 -3.91 -8.68 -15.15
N VAL A 14 -4.42 -9.85 -14.77
CA VAL A 14 -3.57 -11.05 -14.83
C VAL A 14 -3.10 -11.27 -16.25
N GLU A 15 -4.01 -11.14 -17.22
N GLU A 15 -4.01 -11.09 -17.21
CA GLU A 15 -3.60 -11.27 -18.64
CA GLU A 15 -3.66 -11.27 -18.61
C GLU A 15 -2.54 -10.24 -19.00
C GLU A 15 -2.60 -10.23 -19.03
N ALA A 16 -2.68 -9.01 -18.48
CA ALA A 16 -1.68 -7.99 -18.77
C ALA A 16 -0.30 -8.42 -18.24
N LEU A 17 -0.24 -8.97 -17.04
CA LEU A 17 1.03 -9.43 -16.54
C LEU A 17 1.61 -10.53 -17.44
N LYS A 18 0.76 -11.43 -17.94
N LYS A 18 0.75 -11.43 -17.93
CA LYS A 18 1.22 -12.44 -18.87
CA LYS A 18 1.16 -12.52 -18.81
C LYS A 18 1.81 -11.77 -20.12
C LYS A 18 1.76 -11.92 -20.09
N VAL A 19 1.05 -10.89 -20.73
N VAL A 19 1.10 -10.95 -20.73
CA VAL A 19 1.50 -10.27 -21.95
CA VAL A 19 1.63 -10.41 -22.01
C VAL A 19 2.83 -9.53 -21.73
C VAL A 19 2.83 -9.47 -21.78
N ASP A 20 3.00 -8.94 -20.55
CA ASP A 20 4.23 -8.21 -20.21
C ASP A 20 5.42 -9.15 -19.92
N ASN A 21 5.23 -10.47 -20.05
CA ASN A 21 6.29 -11.41 -19.66
C ASN A 21 6.68 -11.17 -18.19
N ASP A 22 5.64 -10.96 -17.37
CA ASP A 22 5.79 -10.66 -15.96
C ASP A 22 5.04 -11.62 -15.08
N LEU A 23 4.75 -12.81 -15.58
N LEU A 23 4.85 -12.85 -15.53
CA LEU A 23 3.92 -13.80 -14.90
CA LEU A 23 4.05 -13.78 -14.78
C LEU A 23 4.59 -15.16 -15.09
C LEU A 23 4.49 -15.20 -15.09
N VAL A 24 4.62 -15.97 -14.03
CA VAL A 24 4.96 -17.38 -14.15
C VAL A 24 3.73 -18.18 -13.72
N GLU A 25 3.17 -18.98 -14.62
CA GLU A 25 2.05 -19.82 -14.31
C GLU A 25 2.57 -21.16 -13.85
N ILE A 26 2.13 -21.57 -12.66
N ILE A 26 2.19 -21.56 -12.63
CA ILE A 26 2.58 -22.81 -12.07
CA ILE A 26 2.60 -22.82 -12.06
C ILE A 26 1.36 -23.72 -12.06
C ILE A 26 1.37 -23.71 -12.07
N ASN A 27 1.40 -24.73 -12.92
CA ASN A 27 0.25 -25.58 -13.17
C ASN A 27 0.32 -26.93 -12.47
N THR A 28 1.41 -27.19 -11.77
CA THR A 28 1.59 -28.39 -10.95
C THR A 28 1.16 -28.09 -9.52
N PRO A 29 0.88 -29.11 -8.70
CA PRO A 29 0.32 -28.82 -7.37
C PRO A 29 1.27 -28.05 -6.50
N ILE A 30 0.75 -27.00 -5.85
CA ILE A 30 1.48 -26.20 -4.90
C ILE A 30 0.69 -26.15 -3.61
N ASP A 31 1.40 -26.26 -2.49
CA ASP A 31 0.73 -26.29 -1.17
C ASP A 31 0.47 -24.87 -0.70
N PRO A 32 -0.77 -24.53 -0.31
CA PRO A 32 -1.03 -23.26 0.32
C PRO A 32 -0.41 -23.18 1.71
N ASN A 33 -0.08 -24.33 2.32
CA ASN A 33 0.65 -24.31 3.59
C ASN A 33 2.12 -23.99 3.28
N LEU A 34 2.45 -22.71 3.37
CA LEU A 34 3.78 -22.15 3.23
C LEU A 34 4.39 -22.11 1.80
N GLU A 35 4.17 -23.14 0.98
CA GLU A 35 4.92 -23.21 -0.26
C GLU A 35 4.57 -22.05 -1.22
N ALA A 36 3.25 -21.76 -1.38
CA ALA A 36 2.87 -20.67 -2.26
C ALA A 36 3.52 -19.35 -1.79
N ALA A 37 3.42 -19.10 -0.48
CA ALA A 37 3.97 -17.88 0.09
C ALA A 37 5.51 -17.86 0.04
N ALA A 38 6.16 -19.00 0.17
CA ALA A 38 7.62 -19.03 0.10
C ALA A 38 8.11 -18.65 -1.30
N ILE A 39 7.44 -19.22 -2.32
CA ILE A 39 7.75 -18.86 -3.70
C ILE A 39 7.55 -17.34 -3.89
N THR A 40 6.39 -16.87 -3.40
CA THR A 40 6.08 -15.45 -3.53
C THR A 40 7.11 -14.56 -2.78
N ARG A 41 7.49 -14.99 -1.60
CA ARG A 41 8.51 -14.27 -0.82
C ARG A 41 9.79 -14.14 -1.60
N ARG A 42 10.24 -15.27 -2.19
N ARG A 42 10.24 -15.24 -2.20
CA ARG A 42 11.47 -15.30 -3.00
CA ARG A 42 11.48 -15.16 -2.94
C ARG A 42 11.33 -14.34 -4.18
C ARG A 42 11.34 -14.30 -4.19
N VAL A 43 10.17 -14.36 -4.83
CA VAL A 43 9.89 -13.44 -5.93
C VAL A 43 10.10 -11.99 -5.47
N CYS A 44 9.48 -11.65 -4.33
CA CYS A 44 9.53 -10.28 -3.83
C CYS A 44 10.94 -9.83 -3.44
N GLU A 45 11.72 -10.79 -2.90
CA GLU A 45 13.09 -10.46 -2.49
C GLU A 45 14.03 -10.34 -3.68
N THR A 46 13.62 -10.83 -4.85
CA THR A 46 14.49 -10.84 -6.03
C THR A 46 13.89 -10.07 -7.21
N ASN A 47 12.73 -9.43 -7.01
CA ASN A 47 12.03 -8.68 -8.05
C ASN A 47 11.75 -9.58 -9.28
N ASP A 48 11.37 -10.83 -9.04
CA ASP A 48 11.07 -11.74 -10.16
C ASP A 48 9.62 -11.54 -10.62
N LYS A 49 9.24 -12.35 -11.61
CA LYS A 49 7.90 -12.34 -12.17
C LYS A 49 6.88 -12.82 -11.13
N ALA A 50 5.65 -12.27 -11.26
CA ALA A 50 4.60 -12.64 -10.34
C ALA A 50 4.19 -14.09 -10.54
N PRO A 51 3.98 -14.88 -9.47
CA PRO A 51 3.55 -16.27 -9.62
C PRO A 51 2.05 -16.40 -9.58
N LEU A 52 1.53 -17.20 -10.53
CA LEU A 52 0.12 -17.58 -10.59
C LEU A 52 0.02 -19.08 -10.36
N PHE A 53 -0.53 -19.40 -9.21
CA PHE A 53 -0.67 -20.79 -8.75
C PHE A 53 -2.03 -21.30 -9.22
N ASN A 54 -2.03 -22.04 -10.35
CA ASN A 54 -3.24 -22.54 -10.96
C ASN A 54 -3.69 -23.88 -10.39
N ASN A 55 -2.89 -24.53 -9.54
CA ASN A 55 -3.15 -25.87 -9.07
C ASN A 55 -2.78 -25.91 -7.59
N LEU A 56 -3.69 -25.39 -6.79
N LEU A 56 -3.60 -25.25 -6.78
CA LEU A 56 -3.43 -25.15 -5.39
CA LEU A 56 -3.35 -25.23 -5.32
C LEU A 56 -4.01 -26.33 -4.61
C LEU A 56 -3.98 -26.42 -4.68
N ILE A 57 -3.20 -27.05 -3.82
CA ILE A 57 -3.65 -28.18 -3.08
C ILE A 57 -4.74 -27.72 -2.12
N GLY A 58 -5.93 -28.32 -2.27
CA GLY A 58 -7.10 -27.95 -1.49
C GLY A 58 -8.11 -27.12 -2.24
N MET A 59 -7.80 -26.67 -3.48
N MET A 59 -7.79 -26.72 -3.49
CA MET A 59 -8.81 -25.93 -4.28
CA MET A 59 -8.83 -26.11 -4.28
C MET A 59 -9.94 -26.89 -4.68
C MET A 59 -10.03 -27.05 -4.34
N LYS A 60 -11.18 -26.45 -4.45
CA LYS A 60 -12.35 -27.29 -4.76
C LYS A 60 -13.44 -26.38 -5.27
N ASN A 61 -14.19 -26.86 -6.26
CA ASN A 61 -15.35 -26.15 -6.74
C ASN A 61 -15.02 -24.72 -7.12
N GLY A 62 -13.81 -24.53 -7.62
CA GLY A 62 -13.43 -23.25 -8.15
C GLY A 62 -12.78 -22.32 -7.15
N LEU A 63 -12.68 -22.71 -5.87
CA LEU A 63 -12.06 -21.84 -4.90
C LEU A 63 -10.77 -22.49 -4.40
N PHE A 64 -9.58 -21.96 -4.73
CA PHE A 64 -9.29 -20.83 -5.58
C PHE A 64 -7.85 -21.01 -6.08
N ARG A 65 -7.52 -20.26 -7.11
CA ARG A 65 -6.11 -20.08 -7.55
C ARG A 65 -5.54 -18.92 -6.75
N ILE A 66 -4.21 -18.73 -6.75
CA ILE A 66 -3.59 -17.59 -6.08
C ILE A 66 -2.67 -16.86 -7.05
N LEU A 67 -2.75 -15.52 -7.06
CA LEU A 67 -1.73 -14.68 -7.68
C LEU A 67 -0.91 -14.03 -6.58
N GLY A 68 0.39 -14.33 -6.51
CA GLY A 68 1.27 -13.65 -5.56
C GLY A 68 1.87 -12.38 -6.15
N ALA A 69 2.36 -11.51 -5.25
CA ALA A 69 3.18 -10.36 -5.62
C ALA A 69 2.50 -9.46 -6.66
N PRO A 70 1.20 -9.14 -6.50
CA PRO A 70 0.51 -8.33 -7.52
C PRO A 70 1.00 -6.91 -7.68
N GLY A 71 1.62 -6.34 -6.64
CA GLY A 71 2.08 -4.96 -6.66
C GLY A 71 3.55 -4.78 -6.35
N SER A 72 4.33 -5.87 -6.56
CA SER A 72 5.77 -5.85 -6.25
C SER A 72 6.57 -5.36 -7.47
N LEU A 73 7.89 -5.32 -7.31
CA LEU A 73 8.78 -4.66 -8.27
C LEU A 73 9.23 -5.64 -9.36
N ARG A 74 9.50 -5.06 -10.51
CA ARG A 74 10.18 -5.77 -11.59
C ARG A 74 11.68 -5.50 -11.51
N LYS A 75 12.48 -6.38 -12.10
CA LYS A 75 13.90 -6.34 -11.94
C LYS A 75 14.48 -5.14 -12.69
N SER A 76 14.00 -4.91 -13.91
N SER A 76 14.01 -4.90 -13.91
CA SER A 76 14.58 -3.87 -14.74
CA SER A 76 14.62 -3.86 -14.75
C SER A 76 14.32 -2.49 -14.15
C SER A 76 14.34 -2.47 -14.19
N SER A 77 15.28 -1.55 -14.29
CA SER A 77 15.06 -0.20 -13.86
C SER A 77 13.97 0.47 -14.73
N ALA A 78 13.94 0.15 -16.01
CA ALA A 78 13.07 0.88 -16.94
C ALA A 78 11.60 0.67 -16.61
N ASP A 79 11.24 -0.55 -16.19
CA ASP A 79 9.83 -0.80 -15.87
C ASP A 79 9.70 -1.33 -14.46
N ARG A 80 10.53 -0.81 -13.57
CA ARG A 80 10.58 -1.17 -12.16
C ARG A 80 9.17 -1.23 -11.55
N TYR A 81 8.39 -0.19 -11.79
CA TYR A 81 7.07 -0.02 -11.21
C TYR A 81 5.95 -0.43 -12.14
N GLY A 82 6.28 -1.27 -13.12
CA GLY A 82 5.29 -1.63 -14.12
C GLY A 82 4.07 -2.32 -13.57
N ARG A 83 4.18 -3.14 -12.52
CA ARG A 83 2.96 -3.73 -11.97
C ARG A 83 2.02 -2.67 -11.43
N LEU A 84 2.55 -1.65 -10.75
N LEU A 84 2.56 -1.65 -10.77
CA LEU A 84 1.69 -0.56 -10.30
CA LEU A 84 1.75 -0.55 -10.29
C LEU A 84 1.13 0.22 -11.48
C LEU A 84 1.14 0.22 -11.47
N ALA A 85 1.94 0.45 -12.51
CA ALA A 85 1.40 1.13 -13.68
C ALA A 85 0.22 0.34 -14.28
N ARG A 86 0.32 -0.99 -14.29
CA ARG A 86 -0.78 -1.82 -14.81
C ARG A 86 -2.03 -1.81 -13.93
N HIS A 87 -1.94 -1.31 -12.69
CA HIS A 87 -3.12 -1.06 -11.90
C HIS A 87 -3.89 0.18 -12.35
N LEU A 88 -3.28 1.01 -13.21
CA LEU A 88 -3.74 2.38 -13.39
C LEU A 88 -3.85 2.84 -14.83
N ALA A 89 -3.62 1.93 -15.78
CA ALA A 89 -3.68 2.24 -17.22
C ALA A 89 -2.52 3.09 -17.67
N LEU A 90 -1.45 3.17 -16.85
CA LEU A 90 -0.27 3.92 -17.20
C LEU A 90 0.70 3.07 -18.02
N PRO A 91 1.53 3.70 -18.84
CA PRO A 91 2.58 2.93 -19.50
C PRO A 91 3.46 2.20 -18.47
N PRO A 92 4.01 1.04 -18.81
CA PRO A 92 4.74 0.23 -17.84
C PRO A 92 6.07 0.90 -17.39
N THR A 93 6.57 1.84 -18.15
CA THR A 93 7.73 2.62 -17.80
C THR A 93 7.43 3.86 -16.96
N ALA A 94 6.19 3.99 -16.49
CA ALA A 94 5.84 5.17 -15.68
C ALA A 94 6.74 5.31 -14.45
N SER A 95 7.09 6.56 -14.16
CA SER A 95 7.85 6.83 -12.99
C SER A 95 6.96 6.83 -11.75
N MET A 96 7.61 6.74 -10.59
N MET A 96 7.61 6.74 -10.58
CA MET A 96 6.84 6.83 -9.36
CA MET A 96 6.87 6.83 -9.33
C MET A 96 6.16 8.19 -9.25
C MET A 96 6.18 8.20 -9.21
N ARG A 97 6.81 9.28 -9.67
CA ARG A 97 6.13 10.57 -9.67
C ARG A 97 4.82 10.49 -10.46
N GLU A 98 4.85 9.87 -11.65
CA GLU A 98 3.65 9.75 -12.48
C GLU A 98 2.59 8.85 -11.82
N ILE A 99 2.98 7.76 -11.17
CA ILE A 99 2.03 6.91 -10.49
C ILE A 99 1.37 7.66 -9.36
N LEU A 100 2.17 8.34 -8.55
CA LEU A 100 1.60 9.06 -7.41
C LEU A 100 0.75 10.24 -7.85
N ASP A 101 1.17 10.94 -8.92
CA ASP A 101 0.32 11.99 -9.48
C ASP A 101 -1.00 11.42 -9.94
N LYS A 102 -1.01 10.24 -10.56
CA LYS A 102 -2.26 9.64 -10.97
C LYS A 102 -3.13 9.36 -9.77
N MET A 103 -2.54 8.82 -8.70
CA MET A 103 -3.30 8.51 -7.47
C MET A 103 -3.81 9.76 -6.76
N LEU A 104 -3.17 10.91 -6.95
CA LEU A 104 -3.63 12.17 -6.36
C LEU A 104 -4.58 12.94 -7.27
N SER A 105 -4.68 12.56 -8.54
CA SER A 105 -5.37 13.40 -9.50
C SER A 105 -6.84 13.64 -9.15
N ALA A 106 -7.50 12.65 -8.56
CA ALA A 106 -8.89 12.77 -8.23
C ALA A 106 -9.16 13.69 -7.05
N SER A 107 -8.12 14.14 -6.35
N SER A 107 -8.14 14.05 -6.30
CA SER A 107 -8.29 14.92 -5.12
CA SER A 107 -8.38 14.90 -5.16
C SER A 107 -8.89 16.31 -5.37
C SER A 107 -9.07 16.19 -5.57
N ASP A 108 -8.73 16.86 -6.57
N ASP A 108 -8.67 16.71 -6.73
CA ASP A 108 -9.48 18.08 -6.94
CA ASP A 108 -9.08 18.03 -7.28
C ASP A 108 -10.24 17.87 -8.25
C ASP A 108 -10.40 17.94 -8.10
N MET A 109 -10.93 16.72 -8.30
CA MET A 109 -11.94 16.48 -9.26
C MET A 109 -13.25 16.15 -8.57
N PRO A 110 -14.41 16.41 -9.22
CA PRO A 110 -15.68 15.91 -8.72
C PRO A 110 -15.63 14.39 -8.75
N PRO A 111 -16.15 13.71 -7.69
CA PRO A 111 -16.26 12.27 -7.72
C PRO A 111 -17.10 11.85 -8.92
N ILE A 112 -16.84 10.63 -9.40
CA ILE A 112 -17.71 9.99 -10.36
C ILE A 112 -18.32 8.79 -9.69
N PRO A 113 -19.54 8.91 -9.18
CA PRO A 113 -20.12 7.83 -8.39
C PRO A 113 -20.26 6.56 -9.19
N PRO A 114 -20.32 5.42 -8.52
CA PRO A 114 -20.44 4.15 -9.20
C PRO A 114 -21.81 3.95 -9.83
N THR A 115 -21.82 3.00 -10.78
CA THR A 115 -23.03 2.60 -11.49
C THR A 115 -23.42 1.23 -11.01
N ILE A 116 -24.70 1.04 -10.68
CA ILE A 116 -25.22 -0.20 -10.25
C ILE A 116 -25.65 -0.99 -11.46
N VAL A 117 -25.18 -2.24 -11.59
CA VAL A 117 -25.58 -3.13 -12.64
C VAL A 117 -26.20 -4.35 -11.99
N PRO A 118 -27.08 -5.09 -12.73
CA PRO A 118 -27.80 -6.20 -12.11
C PRO A 118 -27.02 -7.48 -11.81
N THR A 119 -25.90 -7.68 -12.52
CA THR A 119 -25.11 -8.88 -12.27
C THR A 119 -23.71 -8.64 -12.80
N GLY A 120 -22.85 -9.60 -12.54
CA GLY A 120 -21.50 -9.58 -13.06
C GLY A 120 -20.83 -10.89 -12.76
N PRO A 121 -19.57 -11.02 -13.19
CA PRO A 121 -18.85 -12.28 -13.02
C PRO A 121 -18.76 -12.79 -11.59
N CYS A 122 -18.74 -11.87 -10.61
CA CYS A 122 -18.66 -12.26 -9.25
C CYS A 122 -19.86 -13.05 -8.74
N LYS A 123 -20.94 -13.14 -9.56
CA LYS A 123 -22.14 -13.87 -9.21
C LYS A 123 -22.18 -15.20 -9.95
N GLU A 124 -21.09 -15.62 -10.61
CA GLU A 124 -21.11 -16.88 -11.38
C GLU A 124 -21.32 -18.10 -10.49
N ASN A 125 -20.89 -18.04 -9.23
CA ASN A 125 -21.01 -19.14 -8.31
C ASN A 125 -21.34 -18.56 -6.93
N SER A 126 -22.05 -19.33 -6.12
CA SER A 126 -22.35 -18.92 -4.78
C SER A 126 -22.37 -20.13 -3.84
N LEU A 127 -22.10 -19.82 -2.57
CA LEU A 127 -22.13 -20.79 -1.50
C LEU A 127 -22.83 -20.11 -0.32
N ASP A 128 -23.91 -20.71 0.17
CA ASP A 128 -24.58 -20.20 1.36
C ASP A 128 -23.89 -20.74 2.62
N ASP A 129 -24.52 -20.38 3.75
N ASP A 129 -24.42 -20.30 3.78
CA ASP A 129 -24.07 -20.62 5.11
CA ASP A 129 -23.99 -20.68 5.14
C ASP A 129 -23.94 -22.13 5.39
C ASP A 129 -23.76 -22.19 5.26
N SER A 130 -24.60 -22.95 4.57
CA SER A 130 -24.62 -24.44 4.78
C SER A 130 -23.61 -25.13 3.86
N GLU A 131 -22.97 -24.39 2.93
CA GLU A 131 -22.22 -24.96 1.82
C GLU A 131 -20.72 -24.65 1.83
N PHE A 132 -20.28 -23.67 2.62
CA PHE A 132 -18.85 -23.39 2.72
C PHE A 132 -18.37 -23.64 4.14
N ASP A 133 -17.06 -23.82 4.24
CA ASP A 133 -16.33 -23.87 5.47
C ASP A 133 -14.98 -23.23 5.20
N LEU A 134 -14.71 -22.09 5.83
CA LEU A 134 -13.48 -21.35 5.54
C LEU A 134 -12.23 -22.16 5.89
N THR A 135 -12.34 -23.11 6.83
CA THR A 135 -11.21 -23.93 7.21
C THR A 135 -10.92 -25.01 6.17
N GLU A 136 -11.84 -25.20 5.21
CA GLU A 136 -11.75 -26.24 4.15
C GLU A 136 -11.25 -25.61 2.84
N LEU A 137 -11.08 -24.30 2.72
CA LEU A 137 -10.56 -23.63 1.56
C LEU A 137 -9.04 -23.63 1.59
N PRO A 138 -8.34 -23.45 0.45
CA PRO A 138 -6.86 -23.46 0.40
C PRO A 138 -6.26 -22.11 0.81
N VAL A 139 -6.67 -21.64 1.98
CA VAL A 139 -6.19 -20.41 2.52
C VAL A 139 -4.72 -20.58 2.86
N PRO A 140 -3.86 -19.62 2.47
CA PRO A 140 -2.42 -19.80 2.73
C PRO A 140 -2.03 -19.59 4.19
N LEU A 141 -1.06 -20.40 4.61
CA LEU A 141 -0.19 -20.04 5.76
C LEU A 141 0.97 -19.31 5.11
N ILE A 142 1.12 -18.03 5.43
CA ILE A 142 2.05 -17.15 4.70
C ILE A 142 3.46 -17.16 5.29
N HIS A 143 3.56 -17.23 6.62
CA HIS A 143 4.82 -17.27 7.33
C HIS A 143 4.71 -18.38 8.36
N LYS A 144 5.80 -19.08 8.65
N LYS A 144 5.78 -19.12 8.65
CA LYS A 144 5.71 -20.30 9.42
CA LYS A 144 5.62 -20.34 9.44
C LYS A 144 5.14 -20.10 10.83
C LYS A 144 5.09 -20.09 10.86
N SER A 145 5.40 -18.92 11.44
CA SER A 145 4.92 -18.60 12.78
C SER A 145 3.63 -17.81 12.82
N ASP A 146 2.97 -17.62 11.68
CA ASP A 146 1.70 -16.85 11.74
C ASP A 146 0.69 -17.56 12.63
N GLY A 147 -0.17 -16.75 13.25
CA GLY A 147 -1.15 -17.26 14.17
C GLY A 147 -2.43 -17.74 13.51
N GLY A 148 -2.46 -17.74 12.18
CA GLY A 148 -3.60 -18.18 11.44
C GLY A 148 -3.29 -18.16 9.96
N LYS A 149 -4.27 -18.63 9.20
N LYS A 149 -4.27 -18.69 9.20
CA LYS A 149 -4.16 -18.65 7.76
CA LYS A 149 -4.24 -18.70 7.74
C LYS A 149 -4.77 -17.37 7.22
C LYS A 149 -4.79 -17.36 7.23
N TYR A 150 -3.92 -16.50 6.67
CA TYR A 150 -4.31 -15.15 6.30
C TYR A 150 -4.92 -15.12 4.90
N ILE A 151 -6.24 -15.36 4.89
CA ILE A 151 -7.02 -15.29 3.66
C ILE A 151 -6.96 -13.91 3.06
N GLN A 152 -6.86 -12.88 3.91
CA GLN A 152 -7.02 -11.54 3.48
C GLN A 152 -5.73 -10.74 3.63
N THR A 153 -5.05 -10.61 2.48
CA THR A 153 -3.87 -9.78 2.36
C THR A 153 -3.96 -8.82 1.17
N TYR A 154 -4.96 -8.98 0.28
CA TYR A 154 -5.01 -8.07 -0.87
C TYR A 154 -6.44 -7.89 -1.38
N GLY A 155 -7.42 -8.17 -0.54
CA GLY A 155 -8.81 -7.81 -0.81
C GLY A 155 -9.17 -6.51 -0.17
N MET A 156 -10.37 -6.04 -0.51
CA MET A 156 -10.90 -4.75 -0.08
C MET A 156 -12.09 -4.99 0.83
N HIS A 157 -11.97 -4.52 2.08
CA HIS A 157 -13.11 -4.43 2.98
C HIS A 157 -13.99 -3.27 2.55
N ILE A 158 -15.30 -3.52 2.60
CA ILE A 158 -16.33 -2.57 2.29
C ILE A 158 -17.22 -2.40 3.52
N VAL A 159 -17.26 -1.17 4.06
CA VAL A 159 -18.15 -0.85 5.16
C VAL A 159 -18.67 0.56 4.90
N GLN A 160 -19.84 0.84 5.44
CA GLN A 160 -20.53 2.08 5.20
C GLN A 160 -20.93 2.70 6.54
N SER A 161 -20.85 4.04 6.62
CA SER A 161 -21.32 4.73 7.78
C SER A 161 -22.78 4.43 8.05
N PRO A 162 -23.26 4.47 9.31
CA PRO A 162 -24.67 4.21 9.60
C PRO A 162 -25.63 5.09 8.82
N ASP A 163 -25.25 6.33 8.55
CA ASP A 163 -26.11 7.26 7.83
C ASP A 163 -26.08 7.08 6.33
N GLY A 164 -25.23 6.19 5.82
CA GLY A 164 -25.19 5.85 4.40
C GLY A 164 -24.34 6.75 3.56
N THR A 165 -23.79 7.82 4.13
CA THR A 165 -23.17 8.86 3.33
C THR A 165 -21.72 8.58 2.93
N TRP A 166 -21.07 7.62 3.58
CA TRP A 166 -19.68 7.33 3.31
C TRP A 166 -19.53 5.81 3.22
N THR A 167 -19.02 5.33 2.05
CA THR A 167 -18.71 3.94 1.91
C THR A 167 -17.19 3.84 1.72
N ASN A 168 -16.53 3.16 2.66
CA ASN A 168 -15.08 3.07 2.64
C ASN A 168 -14.64 1.73 2.07
N TRP A 169 -13.58 1.80 1.26
CA TRP A 169 -12.85 0.66 0.74
C TRP A 169 -11.42 0.71 1.27
N SER A 170 -10.95 -0.39 1.89
CA SER A 170 -9.63 -0.39 2.43
C SER A 170 -9.12 -1.81 2.56
N ILE A 171 -7.77 -1.93 2.53
CA ILE A 171 -7.09 -3.18 2.88
C ILE A 171 -6.80 -3.18 4.37
N ALA A 172 -7.17 -4.24 5.05
CA ALA A 172 -6.72 -4.55 6.43
C ALA A 172 -6.63 -6.05 6.52
N ARG A 173 -5.61 -6.59 7.16
CA ARG A 173 -5.40 -8.03 7.17
C ARG A 173 -6.52 -8.76 7.91
N ALA A 174 -6.74 -10.00 7.51
CA ALA A 174 -7.64 -10.86 8.28
C ALA A 174 -7.29 -12.33 8.01
N MET A 175 -7.55 -13.13 9.04
CA MET A 175 -7.23 -14.57 9.05
C MET A 175 -8.47 -15.36 9.42
N VAL A 176 -8.47 -16.63 9.02
CA VAL A 176 -9.61 -17.50 9.34
C VAL A 176 -9.59 -17.83 10.84
N HIS A 177 -10.72 -17.63 11.47
CA HIS A 177 -10.97 -18.02 12.87
C HIS A 177 -11.63 -19.38 12.99
N ASP A 178 -12.70 -19.60 12.18
CA ASP A 178 -13.39 -20.89 12.16
C ASP A 178 -14.17 -20.98 10.85
N LYS A 179 -15.05 -21.96 10.78
CA LYS A 179 -15.72 -22.24 9.51
C LYS A 179 -16.43 -21.02 8.90
N ASN A 180 -16.89 -20.08 9.73
CA ASN A 180 -17.64 -18.98 9.21
C ASN A 180 -17.25 -17.63 9.83
N HIS A 181 -16.02 -17.51 10.35
CA HIS A 181 -15.57 -16.23 10.89
C HIS A 181 -14.11 -15.98 10.51
N LEU A 182 -13.79 -14.69 10.44
CA LEU A 182 -12.41 -14.22 10.34
C LEU A 182 -12.12 -13.38 11.61
N THR A 183 -10.84 -13.23 11.91
CA THR A 183 -10.42 -12.16 12.78
C THR A 183 -9.47 -11.26 12.04
N GLY A 184 -9.37 -9.99 12.43
CA GLY A 184 -8.48 -9.12 11.70
C GLY A 184 -8.17 -7.87 12.49
N LEU A 185 -7.25 -7.09 11.93
N LEU A 185 -7.28 -7.08 11.92
CA LEU A 185 -6.90 -5.81 12.49
CA LEU A 185 -6.76 -5.88 12.57
C LEU A 185 -7.91 -4.75 12.12
C LEU A 185 -7.64 -4.67 12.19
N VAL A 186 -8.37 -4.09 13.17
CA VAL A 186 -9.25 -2.91 13.01
C VAL A 186 -8.79 -1.92 14.06
N ILE A 187 -7.95 -0.97 13.65
CA ILE A 187 -7.23 -0.15 14.62
C ILE A 187 -7.33 1.31 14.25
N PRO A 188 -7.32 2.21 15.24
CA PRO A 188 -7.32 3.65 14.95
C PRO A 188 -6.00 4.04 14.32
N PRO A 189 -6.01 5.03 13.43
CA PRO A 189 -7.11 5.89 13.00
C PRO A 189 -7.78 5.44 11.71
N GLN A 190 -7.66 4.16 11.37
CA GLN A 190 -8.05 3.67 10.05
C GLN A 190 -9.54 3.82 9.84
N HIS A 191 -9.93 4.01 8.59
CA HIS A 191 -11.35 4.28 8.32
C HIS A 191 -12.23 3.08 8.64
N ILE A 192 -11.78 1.84 8.48
CA ILE A 192 -12.60 0.74 8.89
C ILE A 192 -12.90 0.85 10.40
N TRP A 193 -11.90 1.26 11.19
CA TRP A 193 -12.09 1.50 12.62
C TRP A 193 -13.01 2.68 12.88
N GLN A 194 -12.83 3.78 12.16
CA GLN A 194 -13.69 4.94 12.38
C GLN A 194 -15.14 4.57 12.15
N ILE A 195 -15.42 3.85 11.08
CA ILE A 195 -16.78 3.43 10.77
C ILE A 195 -17.27 2.41 11.77
N HIS A 196 -16.42 1.47 12.21
N HIS A 196 -16.43 1.46 12.18
CA HIS A 196 -16.80 0.55 13.21
CA HIS A 196 -16.77 0.54 13.25
C HIS A 196 -17.28 1.28 14.49
C HIS A 196 -17.30 1.30 14.47
N GLN A 197 -16.55 2.33 14.87
CA GLN A 197 -16.88 3.07 16.07
C GLN A 197 -18.23 3.77 15.92
N MET A 198 -18.60 4.18 14.70
CA MET A 198 -19.90 4.80 14.53
C MET A 198 -21.00 3.79 14.84
N TRP A 199 -20.85 2.57 14.30
CA TRP A 199 -21.83 1.53 14.56
C TRP A 199 -21.85 1.12 16.04
N LYS A 200 -20.68 1.07 16.66
N LYS A 200 -20.67 1.02 16.66
CA LYS A 200 -20.66 0.70 18.06
CA LYS A 200 -20.61 0.70 18.11
C LYS A 200 -21.40 1.74 18.91
C LYS A 200 -21.43 1.73 18.88
N LYS A 201 -21.22 3.02 18.61
CA LYS A 201 -21.92 4.06 19.39
C LYS A 201 -23.40 3.95 19.16
N GLU A 202 -23.87 3.65 17.96
CA GLU A 202 -25.28 3.45 17.71
C GLU A 202 -25.81 2.24 18.47
N GLY A 203 -25.01 1.17 18.58
CA GLY A 203 -25.26 0.08 19.50
C GLY A 203 -26.31 -0.92 19.10
N ARG A 204 -26.91 -0.79 17.94
CA ARG A 204 -28.09 -1.58 17.57
C ARG A 204 -27.78 -2.83 16.76
N SER A 205 -26.78 -2.79 15.89
N SER A 205 -26.71 -2.76 15.98
CA SER A 205 -26.46 -3.97 15.10
CA SER A 205 -26.46 -3.70 14.86
C SER A 205 -24.98 -3.99 14.76
C SER A 205 -24.97 -3.96 14.73
N ASP A 206 -24.57 -5.19 14.35
CA ASP A 206 -23.23 -5.41 13.79
C ASP A 206 -23.17 -4.65 12.47
N VAL A 207 -21.93 -4.46 12.01
CA VAL A 207 -21.67 -3.66 10.84
C VAL A 207 -21.89 -4.48 9.57
N PRO A 208 -22.81 -4.11 8.66
CA PRO A 208 -22.84 -4.81 7.40
C PRO A 208 -21.49 -4.67 6.70
N TRP A 209 -21.05 -5.80 6.14
CA TRP A 209 -19.70 -5.87 5.63
C TRP A 209 -19.63 -6.76 4.41
N ALA A 210 -18.68 -6.43 3.55
CA ALA A 210 -18.27 -7.32 2.48
C ALA A 210 -16.75 -7.19 2.32
N LEU A 211 -16.16 -8.27 1.84
CA LEU A 211 -14.72 -8.32 1.53
C LEU A 211 -14.59 -8.89 0.14
N ALA A 212 -14.10 -8.06 -0.76
CA ALA A 212 -14.00 -8.44 -2.18
C ALA A 212 -12.52 -8.61 -2.53
N PHE A 213 -12.21 -9.76 -3.09
CA PHE A 213 -10.88 -10.13 -3.52
C PHE A 213 -10.78 -10.08 -5.02
N GLY A 214 -9.63 -9.66 -5.54
CA GLY A 214 -9.53 -9.57 -6.98
C GLY A 214 -10.45 -8.55 -7.55
N VAL A 215 -10.42 -7.37 -6.93
CA VAL A 215 -11.19 -6.22 -7.38
C VAL A 215 -10.46 -5.50 -8.50
N PRO A 216 -11.13 -4.54 -9.14
CA PRO A 216 -10.45 -3.71 -10.12
C PRO A 216 -9.15 -3.18 -9.57
N PRO A 217 -8.04 -3.32 -10.29
CA PRO A 217 -6.76 -2.87 -9.75
C PRO A 217 -6.78 -1.40 -9.34
N ALA A 218 -7.46 -0.55 -10.08
CA ALA A 218 -7.44 0.86 -9.66
C ALA A 218 -8.09 1.02 -8.29
N ALA A 219 -9.09 0.19 -8.01
CA ALA A 219 -9.76 0.22 -6.72
C ALA A 219 -8.88 -0.29 -5.59
N ILE A 220 -8.06 -1.35 -5.80
CA ILE A 220 -7.20 -1.80 -4.73
C ILE A 220 -6.13 -0.78 -4.42
N MET A 221 -5.69 -0.02 -5.43
N MET A 221 -5.69 -0.01 -5.42
CA MET A 221 -4.76 1.07 -5.15
CA MET A 221 -4.75 1.08 -5.12
C MET A 221 -5.38 2.11 -4.22
C MET A 221 -5.38 2.11 -4.20
N ALA A 222 -6.59 2.56 -4.53
CA ALA A 222 -7.23 3.55 -3.65
C ALA A 222 -7.51 2.93 -2.28
N SER A 223 -7.80 1.65 -2.24
CA SER A 223 -8.05 0.97 -0.96
C SER A 223 -6.84 1.03 -0.04
N SER A 224 -5.62 1.15 -0.64
N SER A 224 -5.61 1.14 -0.61
CA SER A 224 -4.38 1.19 0.05
CA SER A 224 -4.39 1.21 0.15
C SER A 224 -3.88 2.60 0.40
C SER A 224 -3.90 2.62 0.45
N MET A 225 -4.65 3.64 0.00
CA MET A 225 -4.24 5.02 0.12
C MET A 225 -5.06 5.73 1.16
N PRO A 226 -4.45 6.57 1.96
CA PRO A 226 -5.22 7.31 2.99
C PRO A 226 -5.84 8.58 2.43
N ILE A 227 -6.80 8.38 1.50
CA ILE A 227 -7.60 9.52 1.02
C ILE A 227 -8.43 10.03 2.22
N PRO A 228 -9.00 11.23 2.13
CA PRO A 228 -9.54 11.86 3.30
C PRO A 228 -10.71 11.13 3.95
N ASP A 229 -10.90 11.45 5.25
CA ASP A 229 -12.08 11.04 5.98
C ASP A 229 -13.34 11.43 5.22
N GLY A 230 -14.31 10.52 5.21
CA GLY A 230 -15.59 10.84 4.63
C GLY A 230 -15.66 10.68 3.14
N VAL A 231 -14.54 10.39 2.46
CA VAL A 231 -14.53 10.29 1.01
C VAL A 231 -14.71 8.82 0.59
N THR A 232 -15.77 8.59 -0.20
CA THR A 232 -16.04 7.28 -0.70
C THR A 232 -15.04 6.93 -1.78
N GLU A 233 -14.24 5.88 -1.54
CA GLU A 233 -13.19 5.50 -2.50
C GLU A 233 -13.79 5.25 -3.88
N ALA A 234 -14.98 4.65 -3.98
CA ALA A 234 -15.49 4.32 -5.34
C ALA A 234 -15.54 5.56 -6.24
N GLY A 235 -16.00 6.67 -5.71
CA GLY A 235 -16.13 7.90 -6.51
C GLY A 235 -14.79 8.55 -6.83
N TYR A 236 -13.82 8.36 -5.95
CA TYR A 236 -12.44 8.82 -6.14
C TYR A 236 -11.81 8.02 -7.29
N VAL A 237 -11.95 6.69 -7.23
CA VAL A 237 -11.44 5.85 -8.31
C VAL A 237 -12.17 6.16 -9.63
N GLY A 238 -13.47 6.41 -9.56
CA GLY A 238 -14.19 6.81 -10.75
C GLY A 238 -13.56 8.05 -11.38
N ALA A 239 -13.32 9.09 -10.55
CA ALA A 239 -12.74 10.30 -11.07
C ALA A 239 -11.33 10.06 -11.62
N MET A 240 -10.52 9.29 -10.91
N MET A 240 -10.51 9.29 -10.88
CA MET A 240 -9.16 9.04 -11.32
CA MET A 240 -9.14 8.97 -11.24
C MET A 240 -9.11 8.35 -12.69
C MET A 240 -9.08 8.30 -12.63
N THR A 241 -9.98 7.36 -12.90
CA THR A 241 -9.97 6.57 -14.09
C THR A 241 -10.83 7.20 -15.19
N GLY A 242 -11.61 8.23 -14.86
CA GLY A 242 -12.55 8.83 -15.82
C GLY A 242 -13.74 7.99 -16.12
N SER A 243 -14.04 6.97 -15.33
CA SER A 243 -15.13 6.05 -15.58
C SER A 243 -15.82 5.65 -14.33
N SER A 244 -17.14 5.58 -14.37
CA SER A 244 -17.90 5.11 -13.24
C SER A 244 -17.68 3.62 -13.05
N LEU A 245 -17.34 3.21 -11.83
CA LEU A 245 -17.15 1.79 -11.58
C LEU A 245 -18.49 1.07 -11.51
N GLU A 246 -18.56 -0.10 -12.11
CA GLU A 246 -19.75 -0.93 -12.12
C GLU A 246 -19.77 -1.83 -10.88
N LEU A 247 -20.80 -1.68 -10.07
CA LEU A 247 -20.97 -2.48 -8.86
C LEU A 247 -22.26 -3.25 -8.90
N VAL A 248 -22.29 -4.38 -8.18
N VAL A 248 -22.29 -4.37 -8.16
CA VAL A 248 -23.46 -5.21 -8.02
CA VAL A 248 -23.46 -5.20 -8.05
C VAL A 248 -23.77 -5.32 -6.55
C VAL A 248 -23.77 -5.34 -6.56
N LYS A 249 -25.06 -5.41 -6.24
CA LYS A 249 -25.45 -5.55 -4.82
C LYS A 249 -25.04 -6.93 -4.29
N CYS A 250 -24.62 -6.97 -3.03
CA CYS A 250 -24.50 -8.19 -2.32
C CYS A 250 -25.86 -8.90 -2.30
N ASP A 251 -25.84 -10.22 -2.07
CA ASP A 251 -27.11 -10.94 -1.97
C ASP A 251 -27.72 -10.85 -0.58
N THR A 252 -26.90 -10.80 0.47
CA THR A 252 -27.39 -10.88 1.83
C THR A 252 -27.36 -9.55 2.55
N ASN A 253 -26.86 -8.48 1.90
CA ASN A 253 -26.93 -7.14 2.50
C ASN A 253 -26.99 -6.15 1.35
N ASP A 254 -27.10 -4.85 1.68
CA ASP A 254 -27.27 -3.87 0.69
C ASP A 254 -26.00 -3.10 0.31
N LEU A 255 -24.84 -3.67 0.63
CA LEU A 255 -23.60 -3.14 0.12
C LEU A 255 -23.40 -3.56 -1.34
N TYR A 256 -22.51 -2.83 -2.02
CA TYR A 256 -22.24 -3.03 -3.42
C TYR A 256 -20.77 -3.33 -3.64
N VAL A 257 -20.51 -4.37 -4.45
CA VAL A 257 -19.17 -4.85 -4.69
C VAL A 257 -18.84 -4.69 -6.15
N PRO A 258 -17.55 -4.61 -6.53
CA PRO A 258 -17.22 -4.52 -7.96
C PRO A 258 -17.77 -5.76 -8.69
N ALA A 259 -18.37 -5.50 -9.87
CA ALA A 259 -19.02 -6.53 -10.62
C ALA A 259 -18.09 -7.69 -10.99
N THR A 260 -16.81 -7.37 -11.25
CA THR A 260 -15.83 -8.34 -11.69
C THR A 260 -14.98 -8.90 -10.55
N SER A 261 -15.37 -8.65 -9.29
CA SER A 261 -14.61 -9.21 -8.18
C SER A 261 -14.46 -10.72 -8.37
N GLU A 262 -13.24 -11.21 -8.07
CA GLU A 262 -13.00 -12.67 -8.16
C GLU A 262 -13.78 -13.47 -7.11
N ILE A 263 -13.76 -12.99 -5.86
CA ILE A 263 -14.33 -13.66 -4.72
C ILE A 263 -14.92 -12.60 -3.83
N VAL A 264 -16.13 -12.81 -3.33
CA VAL A 264 -16.77 -11.90 -2.39
C VAL A 264 -17.25 -12.66 -1.17
N LEU A 265 -16.86 -12.15 0.01
CA LEU A 265 -17.45 -12.59 1.25
C LEU A 265 -18.45 -11.54 1.71
N GLU A 266 -19.64 -11.98 2.13
CA GLU A 266 -20.67 -11.10 2.65
C GLU A 266 -20.92 -11.47 4.10
N GLY A 267 -21.08 -10.47 4.98
CA GLY A 267 -21.43 -10.80 6.34
C GLY A 267 -21.46 -9.58 7.22
N THR A 268 -20.93 -9.72 8.43
CA THR A 268 -20.95 -8.63 9.40
C THR A 268 -19.62 -8.56 10.14
N LEU A 269 -19.28 -7.32 10.52
CA LEU A 269 -18.17 -7.05 11.42
C LEU A 269 -18.80 -6.77 12.78
N SER A 270 -18.44 -7.57 13.79
CA SER A 270 -19.11 -7.48 15.07
C SER A 270 -18.79 -6.17 15.75
N ILE A 271 -19.82 -5.59 16.41
CA ILE A 271 -19.57 -4.47 17.35
C ILE A 271 -19.32 -4.93 18.77
N SER A 272 -19.35 -6.24 19.04
CA SER A 272 -19.11 -6.72 20.39
C SER A 272 -18.04 -7.82 20.52
N GLU A 273 -17.91 -8.69 19.53
CA GLU A 273 -17.13 -9.90 19.62
C GLU A 273 -15.70 -9.61 19.17
N THR A 274 -14.75 -10.36 19.73
CA THR A 274 -13.37 -10.37 19.32
C THR A 274 -12.90 -11.82 19.25
N GLY A 275 -11.71 -12.02 18.69
CA GLY A 275 -11.09 -13.31 18.79
C GLY A 275 -9.61 -13.18 18.57
N PRO A 276 -8.87 -14.28 18.80
CA PRO A 276 -7.44 -14.22 18.61
C PRO A 276 -7.06 -13.82 17.20
N GLU A 277 -6.07 -12.95 17.08
CA GLU A 277 -5.62 -12.44 15.79
C GLU A 277 -4.11 -12.32 15.86
N GLY A 278 -3.44 -12.72 14.79
CA GLY A 278 -2.01 -12.66 14.72
C GLY A 278 -1.35 -13.74 15.57
N PRO A 279 -0.03 -13.72 15.65
CA PRO A 279 0.83 -12.76 14.98
C PRO A 279 0.92 -12.99 13.46
N PHE A 280 1.47 -12.00 12.77
CA PHE A 280 1.58 -12.04 11.33
C PHE A 280 2.93 -11.44 10.93
N GLY A 281 3.59 -12.06 9.99
CA GLY A 281 4.79 -11.47 9.42
C GLY A 281 4.47 -10.24 8.66
N GLU A 282 4.93 -9.11 9.17
N GLU A 282 5.04 -9.12 9.06
CA GLU A 282 4.40 -7.77 8.86
CA GLU A 282 4.46 -7.85 8.70
C GLU A 282 5.39 -6.96 7.99
C GLU A 282 5.45 -6.95 7.97
N MET A 283 4.90 -5.80 7.58
CA MET A 283 5.53 -4.91 6.62
C MET A 283 6.93 -4.45 7.02
N HIS A 284 7.25 -4.43 8.31
CA HIS A 284 8.56 -3.98 8.73
C HIS A 284 9.60 -5.10 8.68
N GLY A 285 9.17 -6.33 8.41
CA GLY A 285 10.09 -7.42 8.25
C GLY A 285 10.19 -8.40 9.38
N TYR A 286 9.23 -8.42 10.31
CA TYR A 286 9.33 -9.21 11.52
C TYR A 286 8.03 -9.97 11.78
N ILE A 287 8.17 -11.07 12.51
CA ILE A 287 7.07 -11.64 13.27
C ILE A 287 7.57 -11.94 14.68
N PHE A 288 6.70 -11.71 15.66
CA PHE A 288 6.99 -11.99 17.06
C PHE A 288 6.14 -13.21 17.41
N PRO A 289 6.70 -14.43 17.30
N PRO A 289 6.67 -14.45 17.36
CA PRO A 289 5.89 -15.64 17.43
CA PRO A 289 5.82 -15.63 17.48
C PRO A 289 5.22 -15.63 18.81
C PRO A 289 4.94 -15.71 18.74
N GLY A 290 3.95 -16.02 18.80
N GLY A 290 5.34 -15.02 19.82
CA GLY A 290 3.19 -16.07 19.99
CA GLY A 290 4.64 -15.11 21.08
C GLY A 290 2.51 -14.77 20.42
C GLY A 290 3.46 -14.14 21.18
N ASP A 291 3.01 -13.54 20.02
CA ASP A 291 2.19 -12.31 20.20
C ASP A 291 0.84 -12.34 19.48
N THR A 292 0.04 -13.27 19.90
CA THR A 292 -1.49 -13.10 19.67
C THR A 292 -2.19 -12.01 20.54
N HIS A 293 -3.12 -11.27 19.94
CA HIS A 293 -3.90 -10.26 20.62
C HIS A 293 -5.34 -10.48 20.17
N LEU A 294 -6.31 -9.93 20.84
CA LEU A 294 -7.67 -9.97 20.35
C LEU A 294 -7.77 -8.98 19.19
N GLY A 295 -8.42 -9.45 18.14
CA GLY A 295 -8.78 -8.60 17.03
C GLY A 295 -10.31 -8.61 16.79
N ALA A 296 -10.71 -7.79 15.82
CA ALA A 296 -12.06 -7.74 15.39
C ALA A 296 -12.48 -9.08 14.80
N LYS A 297 -13.77 -9.36 14.89
CA LYS A 297 -14.32 -10.64 14.44
C LYS A 297 -15.40 -10.40 13.39
N TYR A 298 -15.25 -11.02 12.24
CA TYR A 298 -16.13 -10.95 11.12
C TYR A 298 -16.87 -12.28 10.94
N LYS A 299 -18.18 -12.21 10.71
CA LYS A 299 -18.95 -13.37 10.41
C LYS A 299 -19.27 -13.39 8.90
N VAL A 300 -19.04 -14.54 8.26
CA VAL A 300 -19.28 -14.71 6.84
C VAL A 300 -20.56 -15.48 6.68
N ASN A 301 -21.51 -14.90 5.92
CA ASN A 301 -22.80 -15.51 5.65
C ASN A 301 -22.93 -16.07 4.24
N ARG A 302 -22.10 -15.61 3.31
CA ARG A 302 -22.21 -15.99 1.92
C ARG A 302 -20.89 -15.78 1.22
N ILE A 303 -20.58 -16.64 0.27
CA ILE A 303 -19.45 -16.46 -0.64
C ILE A 303 -20.01 -16.45 -2.07
N THR A 304 -19.61 -15.47 -2.87
CA THR A 304 -19.85 -15.55 -4.31
C THR A 304 -18.52 -15.45 -5.03
N TYR A 305 -18.43 -15.99 -6.23
CA TYR A 305 -17.13 -15.99 -6.89
C TYR A 305 -17.25 -16.28 -8.38
N ARG A 306 -16.26 -15.76 -9.10
CA ARG A 306 -16.07 -16.06 -10.51
C ARG A 306 -15.71 -17.52 -10.74
N ASN A 307 -16.14 -18.05 -11.90
CA ASN A 307 -15.54 -19.30 -12.38
C ASN A 307 -14.01 -19.14 -12.38
N ASN A 308 -13.36 -20.20 -11.89
CA ASN A 308 -11.91 -20.23 -11.86
C ASN A 308 -11.29 -19.01 -11.12
N ALA A 309 -11.92 -18.67 -10.00
CA ALA A 309 -11.53 -17.54 -9.17
C ALA A 309 -10.06 -17.55 -8.80
N ILE A 310 -9.51 -16.35 -8.81
CA ILE A 310 -8.12 -16.09 -8.42
C ILE A 310 -8.12 -15.19 -7.19
N MET A 311 -7.43 -15.66 -6.13
CA MET A 311 -7.19 -14.86 -4.90
C MET A 311 -5.82 -14.19 -4.99
N PRO A 312 -5.72 -12.87 -4.98
CA PRO A 312 -4.43 -12.24 -4.84
C PRO A 312 -3.92 -12.35 -3.41
N MET A 313 -2.57 -12.45 -3.29
CA MET A 313 -1.92 -12.63 -2.01
C MET A 313 -0.66 -11.80 -1.96
N SER A 314 -0.47 -11.11 -0.83
CA SER A 314 0.78 -10.44 -0.50
C SER A 314 1.55 -11.27 0.53
N SER A 315 2.73 -11.76 0.12
CA SER A 315 3.63 -12.47 1.05
C SER A 315 4.58 -11.44 1.60
N CYS A 316 4.10 -10.72 2.62
CA CYS A 316 4.78 -9.49 3.04
C CYS A 316 5.87 -9.76 4.09
N GLY A 317 6.80 -8.79 4.11
CA GLY A 317 7.87 -8.86 5.06
C GLY A 317 9.01 -7.94 4.66
N ARG A 318 10.23 -8.50 4.62
CA ARG A 318 11.37 -7.75 4.15
C ARG A 318 11.22 -7.36 2.70
N LEU A 319 12.00 -6.38 2.27
CA LEU A 319 11.83 -5.74 0.95
C LEU A 319 11.84 -6.79 -0.16
N THR A 320 11.04 -6.58 -1.24
CA THR A 320 10.09 -5.50 -1.46
C THR A 320 8.74 -6.09 -1.86
N ASP A 321 7.68 -5.63 -1.23
CA ASP A 321 6.36 -6.12 -1.54
C ASP A 321 5.37 -4.97 -1.49
N GLU A 322 4.08 -5.33 -1.57
CA GLU A 322 2.99 -4.38 -1.61
C GLU A 322 2.95 -3.49 -0.41
N THR A 323 3.38 -3.99 0.75
CA THR A 323 3.36 -3.18 1.95
C THR A 323 4.37 -2.06 1.88
N HIS A 324 5.32 -2.14 0.96
CA HIS A 324 6.31 -1.07 0.75
C HIS A 324 5.93 -0.22 -0.42
N THR A 325 5.63 -0.88 -1.57
CA THR A 325 5.38 -0.15 -2.79
C THR A 325 4.09 0.65 -2.71
N MET A 326 3.07 0.09 -2.03
CA MET A 326 1.76 0.70 -1.95
C MET A 326 1.56 1.44 -0.64
N ILE A 327 1.76 0.80 0.53
CA ILE A 327 1.51 1.54 1.76
C ILE A 327 2.38 2.78 1.82
N GLY A 328 3.70 2.58 1.65
CA GLY A 328 4.62 3.67 1.82
C GLY A 328 4.41 4.76 0.78
N SER A 329 4.32 4.36 -0.50
CA SER A 329 4.32 5.35 -1.56
C SER A 329 3.02 6.17 -1.53
N LEU A 330 1.91 5.46 -1.26
CA LEU A 330 0.62 6.11 -1.29
C LEU A 330 0.42 7.03 -0.08
N ALA A 331 0.99 6.63 1.08
CA ALA A 331 1.00 7.54 2.23
C ALA A 331 1.83 8.77 1.88
N ALA A 332 3.02 8.56 1.27
CA ALA A 332 3.84 9.67 0.89
C ALA A 332 3.10 10.65 -0.06
N ALA A 333 2.38 10.09 -1.03
CA ALA A 333 1.62 10.94 -1.95
C ALA A 333 0.64 11.83 -1.16
N GLU A 334 -0.13 11.20 -0.29
CA GLU A 334 -1.10 11.96 0.49
C GLU A 334 -0.41 13.02 1.35
N ILE A 335 0.73 12.69 1.93
CA ILE A 335 1.48 13.62 2.73
C ILE A 335 1.95 14.82 1.89
N ARG A 336 2.40 14.57 0.64
CA ARG A 336 2.80 15.66 -0.24
C ARG A 336 1.65 16.65 -0.40
N LYS A 337 0.47 16.12 -0.74
CA LYS A 337 -0.70 16.96 -0.90
C LYS A 337 -1.06 17.71 0.38
N LEU A 338 -1.09 16.98 1.51
CA LEU A 338 -1.41 17.59 2.80
C LEU A 338 -0.47 18.77 3.08
N CYS A 339 0.83 18.58 2.83
CA CYS A 339 1.75 19.67 3.09
C CYS A 339 1.41 20.88 2.21
N GLN A 340 1.17 20.63 0.92
CA GLN A 340 0.87 21.73 0.00
C GLN A 340 -0.42 22.45 0.37
N GLN A 341 -1.42 21.70 0.86
CA GLN A 341 -2.65 22.31 1.27
C GLN A 341 -2.51 23.12 2.54
N ASN A 342 -1.45 22.88 3.32
CA ASN A 342 -1.10 23.64 4.51
C ASN A 342 -0.07 24.72 4.20
N ASP A 343 0.11 25.06 2.92
CA ASP A 343 0.97 26.14 2.46
C ASP A 343 2.44 25.88 2.77
N LEU A 344 2.83 24.61 2.84
CA LEU A 344 4.21 24.26 3.00
C LEU A 344 4.82 23.99 1.63
N PRO A 345 6.05 24.44 1.36
CA PRO A 345 6.63 24.43 0.00
C PRO A 345 7.24 23.08 -0.35
N ILE A 346 6.41 22.04 -0.34
CA ILE A 346 6.86 20.69 -0.63
C ILE A 346 6.47 20.37 -2.06
N THR A 347 7.42 19.85 -2.84
CA THR A 347 7.16 19.50 -4.22
C THR A 347 6.94 17.99 -4.43
N ASP A 348 7.55 17.16 -3.59
CA ASP A 348 7.61 15.72 -3.79
C ASP A 348 7.74 15.06 -2.45
N ALA A 349 7.23 13.84 -2.34
CA ALA A 349 7.41 13.04 -1.14
C ALA A 349 7.50 11.58 -1.56
N PHE A 350 8.35 10.83 -0.83
CA PHE A 350 8.48 9.41 -1.07
C PHE A 350 8.93 8.75 0.21
N ALA A 351 8.51 7.51 0.44
CA ALA A 351 8.96 6.73 1.64
C ALA A 351 10.09 5.83 1.18
N PRO A 352 11.35 6.14 1.48
CA PRO A 352 12.44 5.32 0.94
C PRO A 352 12.28 3.87 1.37
N PHE A 353 12.50 2.96 0.43
CA PHE A 353 12.43 1.56 0.77
C PHE A 353 13.49 1.20 1.81
N GLU A 354 14.66 1.84 1.73
CA GLU A 354 15.77 1.57 2.65
C GLU A 354 15.35 1.78 4.13
N SER A 355 14.39 2.70 4.33
CA SER A 355 13.86 3.01 5.65
C SER A 355 12.80 2.02 6.11
N GLN A 356 12.56 0.98 5.30
CA GLN A 356 11.44 0.07 5.56
C GLN A 356 10.12 0.86 5.59
N VAL A 357 10.06 1.88 4.70
CA VAL A 357 8.95 2.81 4.53
C VAL A 357 8.48 3.44 5.85
N THR A 358 9.41 3.65 6.78
CA THR A 358 9.13 4.34 8.03
C THR A 358 9.54 5.81 7.97
N TRP A 359 10.31 6.19 6.94
CA TRP A 359 10.65 7.57 6.72
C TRP A 359 9.86 8.07 5.48
N VAL A 360 9.61 9.38 5.46
CA VAL A 360 9.24 10.05 4.21
C VAL A 360 10.19 11.21 4.02
N ALA A 361 10.77 11.27 2.82
CA ALA A 361 11.60 12.38 2.39
C ALA A 361 10.71 13.37 1.67
N LEU A 362 10.81 14.64 2.08
CA LEU A 362 10.02 15.75 1.56
C LEU A 362 10.99 16.70 0.85
N ARG A 363 10.79 16.83 -0.47
CA ARG A 363 11.58 17.75 -1.27
C ARG A 363 10.98 19.14 -1.18
N VAL A 364 11.80 20.11 -0.81
CA VAL A 364 11.40 21.48 -0.56
C VAL A 364 11.76 22.36 -1.75
N ASP A 365 10.80 23.17 -2.16
CA ASP A 365 11.04 24.26 -3.08
C ASP A 365 11.72 25.37 -2.29
N THR A 366 13.05 25.44 -2.43
CA THR A 366 13.82 26.29 -1.55
C THR A 366 13.70 27.78 -1.92
N GLU A 367 13.31 28.09 -3.14
CA GLU A 367 12.98 29.48 -3.48
C GLU A 367 11.80 29.94 -2.63
N LYS A 368 10.76 29.11 -2.56
CA LYS A 368 9.64 29.45 -1.71
C LYS A 368 10.04 29.48 -0.24
N LEU A 369 10.87 28.52 0.18
CA LEU A 369 11.35 28.53 1.56
C LEU A 369 12.05 29.84 1.89
N ARG A 370 12.95 30.29 1.02
CA ARG A 370 13.66 31.51 1.29
C ARG A 370 12.70 32.67 1.49
N ALA A 371 11.61 32.71 0.74
CA ALA A 371 10.68 33.81 0.85
C ALA A 371 9.90 33.76 2.18
N MET A 372 9.85 32.62 2.84
CA MET A 372 9.22 32.50 4.14
C MET A 372 10.04 33.15 5.25
N LYS A 373 11.36 33.34 5.06
CA LYS A 373 12.22 34.00 6.03
C LYS A 373 12.03 33.35 7.42
N THR A 374 12.26 32.04 7.44
CA THR A 374 12.09 31.22 8.59
C THR A 374 13.40 30.54 8.98
N THR A 375 13.34 29.65 9.96
CA THR A 375 14.50 28.95 10.42
C THR A 375 14.20 27.47 10.52
N SER A 376 15.26 26.65 10.66
CA SER A 376 15.07 25.23 10.73
C SER A 376 14.11 24.80 11.86
N GLU A 377 14.35 25.29 13.07
N GLU A 377 14.32 25.30 13.06
CA GLU A 377 13.52 24.91 14.22
CA GLU A 377 13.51 24.79 14.14
C GLU A 377 12.05 25.21 13.94
C GLU A 377 12.04 25.22 13.97
N GLY A 378 11.80 26.44 13.46
CA GLY A 378 10.41 26.76 13.20
C GLY A 378 9.79 25.96 12.11
N PHE A 379 10.53 25.75 11.00
CA PHE A 379 9.98 25.06 9.86
C PHE A 379 9.73 23.58 10.19
N ARG A 380 10.73 22.97 10.87
CA ARG A 380 10.58 21.55 11.26
C ARG A 380 9.36 21.34 12.10
N LYS A 381 9.15 22.23 13.04
CA LYS A 381 7.98 22.13 13.93
C LYS A 381 6.70 22.23 13.11
N ARG A 382 6.67 23.18 12.18
CA ARG A 382 5.45 23.35 11.38
C ARG A 382 5.15 22.09 10.56
N VAL A 383 6.18 21.55 9.92
CA VAL A 383 5.98 20.37 9.09
C VAL A 383 5.54 19.20 9.93
N GLY A 384 6.22 18.97 11.05
CA GLY A 384 5.85 17.84 11.85
C GLY A 384 4.45 17.98 12.45
N ASP A 385 4.07 19.18 12.87
CA ASP A 385 2.74 19.37 13.39
C ASP A 385 1.68 19.01 12.34
N VAL A 386 1.89 19.46 11.10
CA VAL A 386 0.91 19.14 10.05
C VAL A 386 0.84 17.64 9.83
N VAL A 387 2.00 17.00 9.63
CA VAL A 387 1.98 15.62 9.17
C VAL A 387 1.69 14.63 10.29
N PHE A 388 2.33 14.83 11.44
CA PHE A 388 2.21 13.83 12.49
C PHE A 388 0.90 13.93 13.26
N ASN A 389 0.16 15.01 13.07
CA ASN A 389 -1.17 15.12 13.64
C ASN A 389 -2.25 14.65 12.70
N HIS A 390 -1.89 14.15 11.52
CA HIS A 390 -2.88 13.74 10.52
C HIS A 390 -2.77 12.23 10.32
N LYS A 391 -3.87 11.62 9.96
CA LYS A 391 -3.89 10.20 9.62
C LYS A 391 -2.92 9.83 8.51
N ALA A 392 -2.69 10.69 7.53
CA ALA A 392 -1.78 10.34 6.45
C ALA A 392 -0.35 10.12 6.97
N GLY A 393 -0.01 10.77 8.09
CA GLY A 393 1.27 10.58 8.69
C GLY A 393 1.41 9.43 9.65
N TYR A 394 0.35 8.64 9.85
CA TYR A 394 0.32 7.62 10.89
C TYR A 394 1.49 6.65 10.84
N THR A 395 1.75 6.08 9.66
CA THR A 395 2.74 5.07 9.53
C THR A 395 4.18 5.59 9.52
N ILE A 396 4.36 6.90 9.45
CA ILE A 396 5.66 7.50 9.21
C ILE A 396 6.22 8.06 10.47
N HIS A 397 7.43 7.61 10.84
CA HIS A 397 8.08 8.04 12.07
C HIS A 397 9.19 9.04 11.88
N ARG A 398 9.74 9.18 10.68
CA ARG A 398 10.80 10.17 10.47
C ARG A 398 10.50 10.88 9.16
N LEU A 399 10.45 12.21 9.21
CA LEU A 399 10.39 13.02 8.03
C LEU A 399 11.75 13.62 7.78
N VAL A 400 12.24 13.54 6.55
CA VAL A 400 13.53 14.09 6.19
C VAL A 400 13.29 15.22 5.21
N LEU A 401 13.62 16.45 5.58
CA LEU A 401 13.47 17.60 4.70
C LEU A 401 14.72 17.74 3.87
N VAL A 402 14.56 17.81 2.54
CA VAL A 402 15.70 17.94 1.63
C VAL A 402 15.44 19.06 0.63
N GLY A 403 16.50 19.68 0.15
CA GLY A 403 16.37 20.70 -0.86
C GLY A 403 16.23 20.18 -2.28
N ASP A 404 16.16 21.11 -3.22
CA ASP A 404 15.76 20.83 -4.55
C ASP A 404 16.71 20.01 -5.35
N ASP A 405 17.93 19.84 -4.91
CA ASP A 405 18.87 19.04 -5.64
C ASP A 405 18.65 17.54 -5.43
N ILE A 406 17.88 17.14 -4.45
CA ILE A 406 17.68 15.75 -4.10
C ILE A 406 16.42 15.21 -4.77
N ASP A 407 16.60 14.06 -5.44
CA ASP A 407 15.47 13.29 -5.97
C ASP A 407 14.99 12.33 -4.87
N VAL A 408 13.87 12.64 -4.26
CA VAL A 408 13.41 11.84 -3.16
C VAL A 408 12.99 10.42 -3.53
N TYR A 409 12.82 10.18 -4.84
CA TYR A 409 12.49 8.84 -5.29
C TYR A 409 13.73 7.95 -5.39
N GLU A 410 14.92 8.51 -5.11
CA GLU A 410 16.18 7.78 -5.17
C GLU A 410 16.72 7.65 -3.77
N GLY A 411 16.59 6.48 -3.20
CA GLY A 411 16.99 6.30 -1.81
C GLY A 411 18.42 6.58 -1.52
N LYS A 412 19.32 6.31 -2.48
N LYS A 412 19.33 6.31 -2.47
CA LYS A 412 20.71 6.62 -2.26
CA LYS A 412 20.72 6.59 -2.19
C LYS A 412 20.93 8.10 -2.01
C LYS A 412 20.94 8.10 -2.02
N ASP A 413 20.20 8.93 -2.73
CA ASP A 413 20.37 10.40 -2.60
C ASP A 413 19.75 10.91 -1.32
N VAL A 414 18.62 10.33 -0.90
CA VAL A 414 18.04 10.67 0.37
C VAL A 414 19.00 10.32 1.51
N LEU A 415 19.61 9.13 1.42
N LEU A 415 19.59 9.12 1.46
CA LEU A 415 20.51 8.68 2.47
CA LEU A 415 20.50 8.73 2.54
C LEU A 415 21.72 9.60 2.52
C LEU A 415 21.73 9.62 2.54
N TRP A 416 22.25 9.98 1.37
CA TRP A 416 23.37 10.92 1.29
C TRP A 416 23.02 12.24 1.95
N ALA A 417 21.89 12.80 1.60
CA ALA A 417 21.48 14.08 2.17
C ALA A 417 21.26 13.97 3.68
N PHE A 418 20.55 12.96 4.14
CA PHE A 418 20.29 12.76 5.55
C PHE A 418 21.60 12.70 6.33
N SER A 419 22.53 11.89 5.80
N SER A 419 22.52 11.88 5.82
CA SER A 419 23.74 11.57 6.54
CA SER A 419 23.72 11.55 6.58
C SER A 419 24.73 12.74 6.59
C SER A 419 24.73 12.71 6.57
N THR A 420 24.61 13.67 5.63
CA THR A 420 25.61 14.72 5.50
C THR A 420 25.09 16.11 5.80
N ARG A 421 23.76 16.31 5.84
CA ARG A 421 23.16 17.64 5.98
C ARG A 421 22.37 17.82 7.27
N CYS A 422 22.02 16.73 7.97
CA CYS A 422 21.21 16.83 9.16
C CYS A 422 22.08 16.47 10.38
N ARG A 423 22.43 17.50 11.18
CA ARG A 423 23.20 17.25 12.41
C ARG A 423 22.35 16.55 13.43
N PRO A 424 22.71 15.37 13.89
CA PRO A 424 21.90 14.67 14.89
C PRO A 424 21.61 15.57 16.08
N GLY A 425 20.37 15.54 16.55
CA GLY A 425 19.96 16.33 17.70
C GLY A 425 19.59 17.75 17.29
N MET A 426 20.59 18.57 17.02
CA MET A 426 20.37 19.98 16.77
C MET A 426 19.47 20.26 15.59
N ASP A 427 19.55 19.47 14.53
CA ASP A 427 18.77 19.68 13.32
C ASP A 427 17.51 18.84 13.29
N GLU A 428 17.10 18.34 14.45
CA GLU A 428 15.95 17.46 14.55
C GLU A 428 15.00 17.96 15.59
N THR A 429 13.72 17.65 15.40
CA THR A 429 12.70 17.86 16.44
C THR A 429 11.96 16.58 16.68
N LEU A 430 11.97 16.13 17.95
CA LEU A 430 11.27 14.96 18.37
C LEU A 430 9.83 15.29 18.74
N PHE A 431 8.92 14.35 18.43
CA PHE A 431 7.51 14.50 18.66
C PHE A 431 7.06 13.31 19.51
N GLU A 432 6.83 13.51 20.81
CA GLU A 432 6.45 12.44 21.70
C GLU A 432 4.94 12.41 21.96
N ASP A 433 4.22 13.46 21.59
CA ASP A 433 2.79 13.58 21.88
C ASP A 433 1.97 13.57 20.59
N VAL A 434 2.28 12.60 19.78
CA VAL A 434 1.59 12.28 18.56
C VAL A 434 1.28 10.78 18.56
N ARG A 435 0.33 10.38 17.72
CA ARG A 435 0.04 8.98 17.58
C ARG A 435 1.23 8.27 16.94
N GLY A 436 1.63 7.14 17.53
CA GLY A 436 2.69 6.31 16.99
C GLY A 436 2.12 5.08 16.31
N PHE A 437 2.94 4.46 15.47
CA PHE A 437 2.51 3.29 14.72
C PHE A 437 3.02 2.04 15.43
N PRO A 438 2.15 1.27 16.11
CA PRO A 438 2.63 0.21 16.97
C PRO A 438 3.27 -0.95 16.25
N LEU A 439 3.00 -1.11 14.97
N LEU A 439 2.97 -1.09 14.97
CA LEU A 439 3.55 -2.28 14.27
CA LEU A 439 3.50 -2.19 14.16
C LEU A 439 5.07 -2.15 14.08
C LEU A 439 5.03 -2.13 14.09
N ILE A 440 5.61 -0.93 14.11
CA ILE A 440 7.07 -0.86 14.02
C ILE A 440 7.65 -1.54 15.23
N PRO A 441 8.67 -2.42 15.11
CA PRO A 441 9.14 -3.14 16.29
C PRO A 441 9.56 -2.24 17.45
N TYR A 442 10.24 -1.13 17.13
CA TYR A 442 10.70 -0.26 18.25
C TYR A 442 9.54 0.46 18.93
N MET A 443 8.32 0.36 18.41
CA MET A 443 7.12 0.89 19.05
C MET A 443 6.46 -0.21 19.87
N GLY A 444 5.75 -1.14 19.21
CA GLY A 444 4.99 -2.13 19.93
C GLY A 444 5.77 -3.14 20.73
N HIS A 445 7.04 -3.36 20.35
CA HIS A 445 7.92 -4.28 21.03
C HIS A 445 9.15 -3.56 21.59
N GLY A 446 9.03 -2.25 21.79
CA GLY A 446 10.14 -1.43 22.19
C GLY A 446 10.12 -1.00 23.62
N ASN A 447 10.88 0.05 23.91
CA ASN A 447 11.16 0.54 25.25
C ASN A 447 10.16 1.57 25.75
N GLY A 448 9.28 2.06 24.87
CA GLY A 448 8.36 3.14 25.23
C GLY A 448 6.92 2.77 24.94
N PRO A 449 6.05 3.79 25.05
CA PRO A 449 4.63 3.56 24.78
C PRO A 449 4.44 3.07 23.34
N ALA A 450 3.63 2.02 23.18
CA ALA A 450 3.44 1.44 21.87
C ALA A 450 2.75 2.38 20.89
N HIS A 451 1.86 3.24 21.42
CA HIS A 451 0.91 3.98 20.61
C HIS A 451 1.17 5.47 20.55
N ARG A 452 2.25 5.94 21.17
CA ARG A 452 2.50 7.36 21.29
C ARG A 452 3.96 7.68 21.10
N GLY A 453 4.23 8.72 20.33
CA GLY A 453 5.55 9.29 20.21
C GLY A 453 6.47 8.49 19.32
N GLY A 454 7.76 8.76 19.48
CA GLY A 454 8.77 8.10 18.69
C GLY A 454 8.93 8.65 17.31
N LYS A 455 8.50 9.89 17.08
CA LYS A 455 8.55 10.50 15.76
C LYS A 455 9.53 11.66 15.77
N VAL A 456 10.04 11.98 14.57
CA VAL A 456 11.07 13.01 14.45
C VAL A 456 10.99 13.66 13.08
N VAL A 457 11.25 14.98 13.05
CA VAL A 457 11.54 15.66 11.80
C VAL A 457 13.05 15.92 11.78
N SER A 458 13.70 15.44 10.74
CA SER A 458 15.12 15.59 10.50
C SER A 458 15.34 16.57 9.37
N ASP A 459 15.92 17.74 9.66
CA ASP A 459 16.10 18.75 8.68
C ASP A 459 17.44 18.60 7.96
N ALA A 460 17.41 18.09 6.74
CA ALA A 460 18.58 17.97 5.86
C ALA A 460 18.67 19.12 4.87
N LEU A 461 18.01 20.25 5.16
CA LEU A 461 18.28 21.50 4.50
C LEU A 461 19.51 22.13 5.13
N MET A 462 20.39 22.66 4.30
CA MET A 462 21.57 23.35 4.81
C MET A 462 21.20 24.79 5.13
N PRO A 463 21.99 25.45 5.99
CA PRO A 463 21.58 26.78 6.48
C PRO A 463 21.30 27.80 5.40
N THR A 464 22.11 27.86 4.35
CA THR A 464 21.87 28.89 3.38
C THR A 464 20.65 28.60 2.51
N GLU A 465 20.10 27.39 2.58
CA GLU A 465 18.91 27.13 1.84
C GLU A 465 17.71 27.93 2.38
N TYR A 466 17.81 28.37 3.64
CA TYR A 466 16.79 29.21 4.25
C TYR A 466 16.99 30.71 3.92
N THR A 467 18.16 31.11 3.48
CA THR A 467 18.57 32.53 3.40
C THR A 467 18.86 32.92 1.93
N THR A 468 20.07 32.64 1.46
CA THR A 468 20.59 33.19 0.24
C THR A 468 20.68 32.16 -0.91
N GLY A 469 20.62 30.88 -0.59
CA GLY A 469 20.66 29.84 -1.60
C GLY A 469 21.78 28.85 -1.36
N ARG A 470 21.70 27.71 -2.02
CA ARG A 470 22.71 26.67 -1.96
C ARG A 470 24.09 27.28 -2.21
N ASN A 471 25.04 26.87 -1.38
CA ASN A 471 26.40 27.41 -1.37
C ASN A 471 27.47 26.34 -1.62
N TRP A 472 27.08 25.19 -2.14
CA TRP A 472 27.98 24.14 -2.49
C TRP A 472 27.76 23.68 -3.90
N GLU A 473 28.72 22.91 -4.41
CA GLU A 473 28.56 22.04 -5.55
C GLU A 473 28.85 20.63 -5.09
N ALA A 474 28.18 19.61 -5.63
CA ALA A 474 28.55 18.25 -5.28
C ALA A 474 29.92 17.93 -5.89
N ALA A 475 30.64 17.11 -5.11
CA ALA A 475 31.91 16.50 -5.57
C ALA A 475 31.56 15.19 -6.29
N ASP A 476 30.90 15.37 -7.43
CA ASP A 476 30.48 14.26 -8.27
C ASP A 476 30.81 14.60 -9.71
N PHE A 477 30.66 13.56 -10.57
CA PHE A 477 30.94 13.75 -11.96
C PHE A 477 30.05 14.85 -12.56
N ASN A 478 28.78 14.84 -12.17
CA ASN A 478 27.83 15.79 -12.74
C ASN A 478 28.18 17.25 -12.46
N GLN A 479 28.54 17.54 -11.22
CA GLN A 479 28.66 18.92 -10.75
C GLN A 479 30.08 19.47 -10.66
N SER A 480 31.08 18.61 -10.72
N SER A 480 31.10 18.59 -10.60
CA SER A 480 32.39 19.10 -10.41
CA SER A 480 32.52 18.97 -10.42
C SER A 480 33.23 19.21 -11.68
C SER A 480 33.24 19.30 -11.72
N TYR A 481 32.59 19.08 -12.87
CA TYR A 481 33.29 19.14 -14.16
C TYR A 481 32.42 19.91 -15.14
N PRO A 482 32.98 20.72 -16.02
CA PRO A 482 32.18 21.45 -17.00
C PRO A 482 31.51 20.52 -17.99
N GLU A 483 30.43 21.02 -18.61
CA GLU A 483 29.66 20.27 -19.58
C GLU A 483 30.48 19.71 -20.71
N ASP A 484 31.34 20.55 -21.30
N ASP A 484 31.32 20.56 -21.33
CA ASP A 484 32.05 20.07 -22.46
CA ASP A 484 32.07 20.10 -22.50
C ASP A 484 32.97 18.89 -22.09
C ASP A 484 33.01 18.93 -22.13
N LEU A 485 33.62 18.99 -20.94
CA LEU A 485 34.50 17.95 -20.51
C LEU A 485 33.74 16.66 -20.20
N LYS A 486 32.61 16.78 -19.52
CA LYS A 486 31.83 15.61 -19.22
C LYS A 486 31.47 14.88 -20.52
N GLN A 487 31.03 15.66 -21.51
CA GLN A 487 30.61 15.02 -22.77
C GLN A 487 31.78 14.33 -23.48
N LYS A 488 32.95 14.98 -23.43
CA LYS A 488 34.12 14.41 -24.02
C LYS A 488 34.46 13.06 -23.34
N VAL A 489 34.41 13.05 -22.02
CA VAL A 489 34.67 11.85 -21.31
C VAL A 489 33.70 10.72 -21.69
N LEU A 490 32.42 11.08 -21.75
CA LEU A 490 31.39 10.11 -22.09
C LEU A 490 31.62 9.63 -23.54
N ASP A 491 31.92 10.55 -24.46
CA ASP A 491 32.03 10.17 -25.85
C ASP A 491 33.24 9.25 -26.07
N ASN A 492 34.28 9.36 -25.22
CA ASN A 492 35.50 8.61 -25.41
C ASN A 492 35.58 7.38 -24.48
N TRP A 493 34.53 7.16 -23.68
CA TRP A 493 34.58 6.17 -22.59
C TRP A 493 34.92 4.78 -23.12
N THR A 494 34.12 4.28 -24.08
CA THR A 494 34.41 2.92 -24.57
C THR A 494 35.73 2.88 -25.40
N LYS A 495 36.11 3.97 -26.13
CA LYS A 495 37.40 4.05 -26.95
C LYS A 495 38.60 3.74 -26.07
N MET A 496 38.50 4.42 -24.90
CA MET A 496 39.63 4.44 -23.92
C MET A 496 39.84 3.06 -23.24
N GLY A 497 38.69 2.26 -23.21
CA GLY A 497 38.67 0.88 -22.65
C GLY A 497 37.71 0.55 -21.44
N PHE A 498 36.84 1.51 -21.06
CA PHE A 498 35.92 1.40 -19.93
C PHE A 498 34.60 0.75 -20.41
N SER A 499 33.69 0.46 -19.47
CA SER A 499 32.43 -0.23 -19.87
C SER A 499 31.33 0.82 -19.89
N HIS A 503 22.62 -1.19 -21.16
CA HIS A 503 21.53 -0.67 -22.00
C HIS A 503 20.35 -0.32 -21.08
N HIS A 504 19.60 0.73 -21.43
CA HIS A 504 18.54 1.25 -20.55
C HIS A 504 17.42 0.22 -20.31
N HIS A 505 16.96 -0.49 -21.34
CA HIS A 505 15.85 -1.49 -21.15
C HIS A 505 16.32 -2.93 -20.80
N HIS A 506 17.54 -3.12 -20.23
CA HIS A 506 18.03 -4.45 -19.90
#